data_6APU
#
_entry.id   6APU
#
_cell.length_a   94.883
_cell.length_b   108.890
_cell.length_c   44.970
_cell.angle_alpha   90.00
_cell.angle_beta   90.00
_cell.angle_gamma   90.00
#
_symmetry.space_group_name_H-M   'P 2 2 21'
#
loop_
_entity.id
_entity.type
_entity.pdbx_description
1 polymer 'Hypoxanthine-guanine phosphoribosyltransferase'
2 non-polymer 'SULFATE ION'
3 non-polymer 'MAGNESIUM ION'
4 non-polymer DI(HYDROXYETHYL)ETHER
5 non-polymer '(2-{[2-(2-amino-6-oxo-1,6-dihydro-9H-purin-9-yl)ethyl](3-aminopropyl)amino}ethyl)phosphonic acid'
6 water water
#
_entity_poly.entity_id   1
_entity_poly.type   'polypeptide(L)'
_entity_poly.pdbx_seq_one_letter_code
;HHHHHHMEPACKYDFATSVLFTEAELHTRMRGVAQRIADDYSNCNLKPLENPLVIVSVLKGSFVFTADMVRILGDFGVPT
RVEFLRASSYGHDTKSCGRVDVKADGLCDIRGKHVLVLEDILDTALTLREVVDSLKKSEPASIKTLVAIDKPGGRKIPFT
AEYVVADVPNVFVVGYGLDYDQSYREVRDVVILKPSVYETWGKELERRKAAGEAKR
;
_entity_poly.pdbx_strand_id   A,B
#
loop_
_chem_comp.id
_chem_comp.type
_chem_comp.name
_chem_comp.formula
3L6 non-polymer '(2-{[2-(2-amino-6-oxo-1,6-dihydro-9H-purin-9-yl)ethyl](3-aminopropyl)amino}ethyl)phosphonic acid' 'C12 H22 N7 O4 P'
MG non-polymer 'MAGNESIUM ION' 'Mg 2'
PEG non-polymer DI(HYDROXYETHYL)ETHER 'C4 H10 O3'
SO4 non-polymer 'SULFATE ION' 'O4 S -2'
#
# COMPACT_ATOMS: atom_id res chain seq x y z
N CYS A 11 5.29 -7.15 27.07
CA CYS A 11 5.18 -6.95 25.61
C CYS A 11 5.13 -5.45 25.26
N LYS A 12 5.63 -5.06 24.08
CA LYS A 12 5.79 -3.64 23.85
C LYS A 12 4.47 -2.94 23.57
N TYR A 13 3.44 -3.66 23.21
CA TYR A 13 2.12 -3.05 22.93
C TYR A 13 1.16 -3.49 24.01
N ASP A 14 0.43 -2.55 24.58
CA ASP A 14 -0.45 -3.03 25.65
C ASP A 14 -1.71 -3.68 25.10
N PHE A 15 -2.00 -3.57 23.81
CA PHE A 15 -3.13 -4.28 23.24
C PHE A 15 -2.74 -5.68 22.74
N ALA A 16 -1.48 -6.09 22.88
CA ALA A 16 -0.98 -7.34 22.31
C ALA A 16 -0.48 -8.28 23.40
N THR A 17 -0.71 -9.58 23.20
N THR A 17 -0.62 -9.60 23.22
CA THR A 17 -0.14 -10.53 24.14
CA THR A 17 0.00 -10.46 24.21
C THR A 17 1.35 -10.74 23.84
C THR A 17 1.39 -10.96 23.78
N SER A 18 1.70 -10.97 22.58
N SER A 18 1.70 -10.96 22.49
CA SER A 18 3.09 -11.09 22.18
CA SER A 18 3.05 -11.28 22.06
C SER A 18 3.28 -10.60 20.74
C SER A 18 3.29 -10.72 20.67
N VAL A 19 4.53 -10.32 20.40
CA VAL A 19 4.93 -9.91 19.04
C VAL A 19 5.46 -11.14 18.33
N LEU A 20 4.85 -11.52 17.21
CA LEU A 20 5.32 -12.71 16.53
C LEU A 20 6.45 -12.40 15.54
N PHE A 21 6.27 -11.38 14.68
CA PHE A 21 7.29 -11.05 13.69
C PHE A 21 7.44 -9.54 13.70
N THR A 22 8.63 -9.05 14.03
CA THR A 22 8.86 -7.60 13.86
C THR A 22 8.96 -7.21 12.39
N GLU A 23 8.74 -5.91 12.16
CA GLU A 23 8.95 -5.36 10.82
C GLU A 23 10.30 -5.81 10.28
N ALA A 24 11.34 -5.76 11.09
CA ALA A 24 12.68 -6.11 10.56
C ALA A 24 12.76 -7.57 10.18
N GLU A 25 12.15 -8.41 10.99
CA GLU A 25 12.15 -9.83 10.68
C GLU A 25 11.35 -10.11 9.42
N LEU A 26 10.18 -9.47 9.26
CA LEU A 26 9.39 -9.61 8.02
C LEU A 26 10.21 -9.15 6.82
N HIS A 27 10.89 -8.00 6.94
CA HIS A 27 11.67 -7.57 5.78
C HIS A 27 12.81 -8.51 5.45
N THR A 28 13.49 -9.07 6.45
CA THR A 28 14.54 -10.07 6.16
C THR A 28 13.96 -11.23 5.38
N ARG A 29 12.82 -11.79 5.87
CA ARG A 29 12.16 -12.90 5.16
C ARG A 29 11.77 -12.49 3.76
N MET A 30 11.28 -11.26 3.62
CA MET A 30 10.84 -10.78 2.31
C MET A 30 12.00 -10.65 1.34
N ARG A 31 13.17 -10.24 1.82
CA ARG A 31 14.33 -10.22 0.93
C ARG A 31 14.70 -11.64 0.50
N GLY A 32 14.59 -12.62 1.42
CA GLY A 32 14.79 -14.03 1.04
C GLY A 32 13.84 -14.49 -0.06
N VAL A 33 12.54 -14.14 0.09
CA VAL A 33 11.57 -14.48 -0.92
C VAL A 33 11.85 -13.75 -2.24
N ALA A 34 12.22 -12.48 -2.15
CA ALA A 34 12.50 -11.71 -3.36
C ALA A 34 13.65 -12.32 -4.16
N GLN A 35 14.68 -12.80 -3.47
CA GLN A 35 15.78 -13.46 -4.20
C GLN A 35 15.27 -14.68 -4.98
N ARG A 36 14.38 -15.47 -4.36
CA ARG A 36 13.81 -16.64 -5.03
C ARG A 36 12.93 -16.22 -6.19
N ILE A 37 12.17 -15.14 -6.01
CA ILE A 37 11.34 -14.65 -7.12
C ILE A 37 12.22 -14.16 -8.26
N ALA A 38 13.27 -13.39 -7.93
CA ALA A 38 14.19 -12.92 -8.98
C ALA A 38 14.79 -14.10 -9.74
N ASP A 39 15.20 -15.15 -9.02
CA ASP A 39 15.76 -16.31 -9.69
C ASP A 39 14.71 -17.03 -10.52
N ASP A 40 13.52 -17.18 -9.98
CA ASP A 40 12.48 -17.97 -10.66
C ASP A 40 11.97 -17.29 -11.92
N TYR A 41 11.99 -15.96 -11.98
CA TYR A 41 11.51 -15.25 -13.16
C TYR A 41 12.66 -14.77 -14.06
N SER A 42 13.89 -15.12 -13.75
CA SER A 42 15.02 -14.68 -14.56
CA SER A 42 15.00 -14.67 -14.57
C SER A 42 14.92 -15.17 -16.00
N ASN A 43 14.23 -16.28 -16.26
CA ASN A 43 14.10 -16.76 -17.64
C ASN A 43 12.91 -16.18 -18.40
N CYS A 44 12.17 -15.25 -17.81
CA CYS A 44 10.99 -14.63 -18.42
C CYS A 44 11.29 -13.31 -19.13
N ASN A 45 12.48 -12.74 -18.99
CA ASN A 45 12.86 -11.46 -19.63
C ASN A 45 11.83 -10.37 -19.27
N LEU A 46 11.60 -10.23 -17.95
CA LEU A 46 10.75 -9.16 -17.42
C LEU A 46 11.40 -7.81 -17.67
N LYS A 47 10.60 -6.78 -18.00
CA LYS A 47 11.17 -5.45 -18.26
C LYS A 47 10.10 -4.42 -17.93
N PRO A 48 10.46 -3.26 -17.36
N PRO A 48 10.47 -3.24 -17.44
CA PRO A 48 9.45 -2.20 -17.22
CA PRO A 48 9.46 -2.20 -17.25
C PRO A 48 8.77 -1.92 -18.57
C PRO A 48 8.77 -1.89 -18.57
N LEU A 49 7.49 -1.56 -18.49
CA LEU A 49 6.66 -1.16 -19.63
C LEU A 49 6.35 -2.36 -20.54
N GLU A 50 7.39 -2.97 -21.11
CA GLU A 50 7.16 -4.03 -22.12
C GLU A 50 6.68 -5.33 -21.50
N ASN A 51 7.20 -5.70 -20.32
CA ASN A 51 6.87 -7.00 -19.74
C ASN A 51 7.10 -7.01 -18.24
N PRO A 52 6.36 -6.22 -17.47
CA PRO A 52 6.51 -6.26 -16.01
C PRO A 52 5.80 -7.48 -15.42
N LEU A 53 6.25 -7.89 -14.24
CA LEU A 53 5.47 -8.88 -13.45
C LEU A 53 4.24 -8.18 -12.92
N VAL A 54 3.04 -8.71 -13.19
CA VAL A 54 1.82 -8.05 -12.73
C VAL A 54 1.53 -8.49 -11.30
N ILE A 55 1.56 -7.55 -10.36
CA ILE A 55 1.22 -7.83 -8.95
C ILE A 55 -0.28 -7.61 -8.75
N VAL A 56 -0.98 -8.63 -8.31
CA VAL A 56 -2.42 -8.46 -8.07
C VAL A 56 -2.58 -8.51 -6.56
N SER A 57 -2.95 -7.39 -5.96
CA SER A 57 -2.93 -7.22 -4.52
C SER A 57 -4.36 -7.28 -3.97
N VAL A 58 -4.59 -8.13 -2.97
CA VAL A 58 -5.94 -8.26 -2.44
C VAL A 58 -6.16 -7.27 -1.26
N LEU A 59 -6.96 -6.24 -1.47
CA LEU A 59 -7.28 -5.25 -0.44
C LEU A 59 -8.28 -5.81 0.58
N LYS A 60 -8.31 -5.22 1.76
CA LYS A 60 -7.46 -4.11 2.15
C LYS A 60 -6.21 -4.55 2.77
N GLY A 61 -6.20 -5.77 3.26
CA GLY A 61 -5.14 -6.14 4.17
C GLY A 61 -3.78 -6.26 3.53
N SER A 62 -3.73 -6.37 2.21
N SER A 62 -3.73 -6.39 2.21
CA SER A 62 -2.44 -6.57 1.61
CA SER A 62 -2.40 -6.59 1.65
C SER A 62 -1.77 -5.28 1.22
C SER A 62 -1.67 -5.27 1.39
N PHE A 63 -2.29 -4.11 1.61
CA PHE A 63 -1.68 -2.86 1.07
C PHE A 63 -0.30 -2.60 1.64
N VAL A 64 -0.07 -2.92 2.92
CA VAL A 64 1.25 -2.64 3.49
C VAL A 64 2.29 -3.58 2.90
N PHE A 65 2.00 -4.87 2.96
CA PHE A 65 2.86 -5.89 2.37
C PHE A 65 3.17 -5.60 0.92
N THR A 66 2.14 -5.20 0.18
CA THR A 66 2.34 -4.92 -1.24
C THR A 66 3.27 -3.73 -1.42
N ALA A 67 3.05 -2.65 -0.66
CA ALA A 67 3.95 -1.49 -0.77
C ALA A 67 5.41 -1.89 -0.48
N ASP A 68 5.63 -2.68 0.57
CA ASP A 68 7.02 -3.01 0.92
C ASP A 68 7.57 -4.01 -0.10
N MET A 69 6.76 -4.98 -0.52
N MET A 69 6.76 -4.99 -0.50
CA MET A 69 7.32 -6.05 -1.35
CA MET A 69 7.29 -6.07 -1.35
C MET A 69 7.62 -5.57 -2.77
C MET A 69 7.64 -5.56 -2.76
N VAL A 70 6.85 -4.64 -3.33
CA VAL A 70 7.22 -4.20 -4.70
C VAL A 70 8.52 -3.43 -4.66
N ARG A 71 8.76 -2.66 -3.58
CA ARG A 71 10.03 -1.96 -3.42
C ARG A 71 11.20 -2.93 -3.26
N ILE A 72 11.03 -3.99 -2.49
CA ILE A 72 12.10 -4.99 -2.35
C ILE A 72 12.30 -5.77 -3.65
N LEU A 73 11.21 -6.13 -4.34
CA LEU A 73 11.41 -6.78 -5.65
C LEU A 73 12.17 -5.86 -6.63
N GLY A 74 11.89 -4.54 -6.60
CA GLY A 74 12.65 -3.64 -7.50
C GLY A 74 14.13 -3.64 -7.17
N ASP A 75 14.46 -3.67 -5.86
CA ASP A 75 15.87 -3.79 -5.42
C ASP A 75 16.53 -5.02 -6.05
N PHE A 76 15.79 -6.13 -6.13
CA PHE A 76 16.32 -7.37 -6.72
C PHE A 76 16.12 -7.43 -8.23
N GLY A 77 15.80 -6.32 -8.89
CA GLY A 77 15.73 -6.30 -10.35
C GLY A 77 14.48 -6.90 -10.96
N VAL A 78 13.37 -6.99 -10.21
CA VAL A 78 12.09 -7.52 -10.70
C VAL A 78 11.11 -6.35 -10.89
N PRO A 79 10.88 -5.92 -12.13
CA PRO A 79 10.01 -4.75 -12.36
C PRO A 79 8.57 -5.20 -12.29
N THR A 80 7.69 -4.35 -11.73
CA THR A 80 6.33 -4.75 -11.49
C THR A 80 5.37 -3.67 -11.97
N ARG A 81 4.12 -4.09 -12.14
CA ARG A 81 3.00 -3.14 -12.17
C ARG A 81 1.97 -3.71 -11.20
N VAL A 82 1.12 -2.87 -10.64
N VAL A 82 1.10 -2.88 -10.65
CA VAL A 82 0.21 -3.33 -9.59
CA VAL A 82 0.23 -3.33 -9.58
C VAL A 82 -1.23 -3.19 -10.03
C VAL A 82 -1.22 -3.15 -9.97
N GLU A 83 -2.05 -4.14 -9.61
CA GLU A 83 -3.49 -4.04 -9.75
C GLU A 83 -4.08 -4.40 -8.39
N PHE A 84 -5.27 -3.89 -8.08
CA PHE A 84 -5.86 -4.11 -6.77
C PHE A 84 -7.19 -4.79 -6.96
N LEU A 85 -7.42 -5.82 -6.15
CA LEU A 85 -8.76 -6.40 -6.01
C LEU A 85 -9.23 -6.17 -4.58
N ARG A 86 -10.53 -6.23 -4.37
CA ARG A 86 -11.10 -6.26 -3.02
C ARG A 86 -11.40 -7.70 -2.54
N ALA A 87 -10.97 -8.02 -1.32
CA ALA A 87 -11.32 -9.30 -0.69
C ALA A 87 -12.83 -9.48 -0.56
N SER A 88 -13.55 -8.40 -0.24
CA SER A 88 -15.01 -8.46 -0.04
C SER A 88 -15.75 -8.90 -1.30
N SER A 89 -15.13 -8.76 -2.47
CA SER A 89 -15.68 -9.34 -3.70
C SER A 89 -15.54 -10.86 -3.75
N TYR A 90 -14.81 -11.46 -2.80
CA TYR A 90 -14.44 -12.89 -2.83
C TYR A 90 -14.68 -13.63 -1.48
N ASP A 109 -5.51 -5.75 -18.65
CA ASP A 109 -5.44 -7.07 -19.25
C ASP A 109 -4.17 -7.82 -18.86
N ILE A 110 -4.36 -9.07 -18.47
CA ILE A 110 -3.28 -9.92 -18.01
C ILE A 110 -3.02 -11.08 -18.96
N ARG A 111 -3.73 -11.12 -20.10
CA ARG A 111 -3.50 -12.19 -21.07
C ARG A 111 -2.03 -12.19 -21.48
N GLY A 112 -1.41 -13.37 -21.40
CA GLY A 112 -0.03 -13.43 -21.79
C GLY A 112 0.96 -12.79 -20.84
N LYS A 113 0.54 -12.30 -19.66
CA LYS A 113 1.46 -11.65 -18.72
C LYS A 113 1.66 -12.56 -17.52
N HIS A 114 2.82 -12.44 -16.88
CA HIS A 114 3.06 -13.20 -15.65
C HIS A 114 2.38 -12.48 -14.49
N VAL A 115 1.68 -13.23 -13.66
CA VAL A 115 0.88 -12.66 -12.60
C VAL A 115 1.32 -13.28 -11.27
N LEU A 116 1.54 -12.42 -10.28
CA LEU A 116 1.82 -12.87 -8.91
C LEU A 116 0.76 -12.24 -8.01
N VAL A 117 -0.04 -13.07 -7.36
CA VAL A 117 -1.10 -12.62 -6.46
C VAL A 117 -0.51 -12.46 -5.06
N LEU A 118 -0.79 -11.34 -4.39
CA LEU A 118 -0.25 -11.06 -3.06
C LEU A 118 -1.42 -11.00 -2.13
N GLU A 119 -1.35 -11.74 -1.03
CA GLU A 119 -2.40 -11.69 -0.01
C GLU A 119 -1.75 -11.58 1.36
N ASP A 120 -2.38 -10.86 2.28
CA ASP A 120 -1.82 -10.74 3.61
C ASP A 120 -1.83 -12.06 4.34
N ILE A 121 -2.96 -12.77 4.36
CA ILE A 121 -3.00 -14.02 5.12
C ILE A 121 -3.77 -15.08 4.37
N LEU A 122 -3.29 -16.31 4.44
CA LEU A 122 -3.88 -17.45 3.77
C LEU A 122 -4.25 -18.44 4.89
N ASP A 123 -5.54 -18.81 4.97
CA ASP A 123 -6.00 -19.61 6.13
C ASP A 123 -6.88 -20.74 5.60
N THR A 124 -8.18 -20.51 5.37
CA THR A 124 -8.99 -21.58 4.76
C THR A 124 -8.65 -21.80 3.30
N ALA A 125 -8.08 -20.81 2.61
CA ALA A 125 -7.73 -20.76 1.20
C ALA A 125 -8.93 -20.52 0.30
N LEU A 126 -10.12 -20.31 0.84
CA LEU A 126 -11.26 -20.10 -0.02
C LEU A 126 -11.11 -18.83 -0.86
N THR A 127 -10.52 -17.77 -0.25
CA THR A 127 -10.36 -16.51 -0.98
C THR A 127 -9.38 -16.66 -2.15
N LEU A 128 -8.18 -17.20 -1.89
CA LEU A 128 -7.16 -17.29 -2.94
CA LEU A 128 -7.19 -17.26 -2.95
C LEU A 128 -7.57 -18.27 -4.01
N ARG A 129 -8.19 -19.39 -3.64
CA ARG A 129 -8.69 -20.31 -4.66
C ARG A 129 -9.62 -19.57 -5.64
N GLU A 130 -10.56 -18.80 -5.12
CA GLU A 130 -11.48 -18.09 -6.02
C GLU A 130 -10.75 -17.00 -6.82
N VAL A 131 -9.85 -16.27 -6.18
CA VAL A 131 -9.10 -15.21 -6.88
C VAL A 131 -8.32 -15.81 -8.03
N VAL A 132 -7.55 -16.86 -7.75
CA VAL A 132 -6.71 -17.45 -8.77
C VAL A 132 -7.56 -18.04 -9.91
N ASP A 133 -8.62 -18.79 -9.57
CA ASP A 133 -9.45 -19.36 -10.64
C ASP A 133 -10.02 -18.25 -11.53
N SER A 134 -10.39 -17.13 -10.92
CA SER A 134 -10.99 -16.03 -11.69
CA SER A 134 -10.98 -16.04 -11.70
C SER A 134 -9.96 -15.41 -12.62
N LEU A 135 -8.74 -15.23 -12.15
CA LEU A 135 -7.72 -14.61 -13.01
C LEU A 135 -7.31 -15.59 -14.08
N LYS A 136 -7.41 -16.89 -13.81
CA LYS A 136 -7.02 -17.89 -14.79
C LYS A 136 -7.91 -17.83 -16.01
N LYS A 137 -9.09 -17.24 -15.88
CA LYS A 137 -9.97 -17.12 -17.03
C LYS A 137 -9.43 -16.16 -18.06
N SER A 138 -8.59 -15.21 -17.65
CA SER A 138 -8.01 -14.26 -18.60
C SER A 138 -6.74 -14.78 -19.27
N GLU A 139 -6.39 -16.05 -19.06
CA GLU A 139 -5.20 -16.65 -19.66
C GLU A 139 -3.93 -15.81 -19.45
N PRO A 140 -3.51 -15.60 -18.20
CA PRO A 140 -2.16 -15.05 -17.97
C PRO A 140 -1.14 -16.07 -18.43
N ALA A 141 0.08 -15.61 -18.69
CA ALA A 141 1.17 -16.53 -19.02
C ALA A 141 1.44 -17.50 -17.87
N SER A 142 1.40 -17.01 -16.65
CA SER A 142 1.55 -17.87 -15.50
C SER A 142 0.91 -17.14 -14.33
N ILE A 143 0.55 -17.89 -13.31
CA ILE A 143 0.02 -17.28 -12.09
C ILE A 143 0.57 -18.03 -10.87
N LYS A 144 1.09 -17.26 -9.92
CA LYS A 144 1.64 -17.76 -8.66
C LYS A 144 1.12 -16.88 -7.53
N THR A 145 1.27 -17.33 -6.31
CA THR A 145 0.77 -16.59 -5.17
C THR A 145 1.88 -16.39 -4.17
N LEU A 146 1.84 -15.25 -3.48
CA LEU A 146 2.80 -14.88 -2.47
C LEU A 146 1.99 -14.38 -1.29
N VAL A 147 2.14 -15.01 -0.12
CA VAL A 147 1.38 -14.56 1.04
C VAL A 147 2.32 -14.15 2.14
N ALA A 148 1.92 -13.12 2.89
CA ALA A 148 2.75 -12.69 4.02
C ALA A 148 2.67 -13.71 5.16
N ILE A 149 1.45 -14.08 5.55
CA ILE A 149 1.23 -15.02 6.65
C ILE A 149 0.44 -16.22 6.14
N ASP A 150 0.97 -17.41 6.33
CA ASP A 150 0.23 -18.64 6.04
C ASP A 150 -0.20 -19.26 7.37
N LYS A 151 -1.46 -19.66 7.48
CA LYS A 151 -1.91 -20.51 8.58
C LYS A 151 -2.18 -21.87 7.99
N PRO A 152 -1.19 -22.73 7.93
CA PRO A 152 -1.33 -24.00 7.22
C PRO A 152 -2.33 -24.92 7.88
N GLY A 153 -2.62 -24.76 9.17
CA GLY A 153 -3.62 -25.57 9.87
C GLY A 153 -5.06 -25.18 9.59
N GLY A 154 -5.28 -24.08 8.86
CA GLY A 154 -6.63 -23.58 8.70
C GLY A 154 -7.36 -24.03 7.43
N ARG A 155 -6.72 -24.80 6.58
CA ARG A 155 -7.29 -25.06 5.26
C ARG A 155 -8.70 -25.67 5.36
N LYS A 156 -9.59 -25.15 4.54
CA LYS A 156 -10.81 -25.90 4.22
C LYS A 156 -10.76 -26.61 2.88
N ILE A 157 -9.72 -26.37 2.08
CA ILE A 157 -9.43 -27.04 0.82
C ILE A 157 -7.93 -27.11 0.67
N PRO A 158 -7.38 -28.02 -0.11
CA PRO A 158 -5.91 -28.08 -0.23
C PRO A 158 -5.43 -26.92 -1.07
N PHE A 159 -4.38 -26.25 -0.61
CA PHE A 159 -3.84 -25.09 -1.33
C PHE A 159 -2.45 -24.81 -0.82
N THR A 160 -1.50 -24.59 -1.72
CA THR A 160 -0.12 -24.25 -1.33
C THR A 160 0.25 -22.96 -2.06
N ALA A 161 0.68 -21.94 -1.32
CA ALA A 161 1.17 -20.71 -1.96
C ALA A 161 2.58 -20.96 -2.43
N GLU A 162 2.97 -20.44 -3.59
CA GLU A 162 4.36 -20.68 -4.06
C GLU A 162 5.36 -20.02 -3.16
N TYR A 163 4.99 -18.87 -2.58
CA TYR A 163 5.90 -18.13 -1.74
C TYR A 163 5.19 -17.73 -0.44
N VAL A 164 5.85 -17.97 0.69
CA VAL A 164 5.29 -17.67 2.00
C VAL A 164 6.34 -16.91 2.82
N VAL A 165 5.97 -15.78 3.40
CA VAL A 165 6.93 -15.03 4.18
C VAL A 165 7.06 -15.63 5.59
N ALA A 166 5.92 -15.90 6.23
CA ALA A 166 5.95 -16.58 7.56
C ALA A 166 4.69 -17.41 7.79
N ASP A 167 4.81 -18.41 8.69
CA ASP A 167 3.70 -19.27 9.08
C ASP A 167 3.28 -18.90 10.49
N VAL A 168 1.97 -18.98 10.76
N VAL A 168 1.98 -19.07 10.77
CA VAL A 168 1.48 -18.91 12.14
CA VAL A 168 1.34 -18.74 12.04
C VAL A 168 0.56 -20.08 12.43
C VAL A 168 0.41 -19.89 12.40
N PRO A 169 0.42 -20.41 13.67
CA PRO A 169 -0.50 -21.48 14.05
C PRO A 169 -1.88 -20.88 14.33
N ASN A 170 -2.66 -21.59 15.13
CA ASN A 170 -4.05 -21.22 15.41
C ASN A 170 -4.15 -20.09 16.44
N VAL A 171 -3.82 -18.86 15.99
CA VAL A 171 -3.85 -17.70 16.86
C VAL A 171 -4.37 -16.52 16.00
N PHE A 172 -4.97 -15.54 16.63
CA PHE A 172 -5.53 -14.41 15.87
C PHE A 172 -4.54 -13.23 15.88
N VAL A 173 -4.10 -12.79 14.70
CA VAL A 173 -2.99 -11.85 14.62
C VAL A 173 -3.51 -10.56 13.98
N VAL A 174 -2.87 -9.44 14.32
CA VAL A 174 -3.10 -8.18 13.64
C VAL A 174 -1.76 -7.55 13.34
N GLY A 175 -1.79 -6.43 12.61
CA GLY A 175 -0.55 -5.71 12.33
C GLY A 175 -0.09 -5.98 10.89
N TYR A 176 0.78 -5.11 10.39
CA TYR A 176 1.35 -5.31 9.04
C TYR A 176 0.25 -5.43 7.99
N GLY A 177 -0.79 -4.60 8.15
CA GLY A 177 -1.93 -4.63 7.24
C GLY A 177 -3.13 -5.38 7.77
N LEU A 178 -2.93 -6.33 8.71
N LEU A 178 -2.93 -6.32 8.69
CA LEU A 178 -4.01 -7.17 9.23
CA LEU A 178 -4.03 -7.12 9.21
C LEU A 178 -4.76 -6.43 10.33
C LEU A 178 -4.77 -6.34 10.26
N ASP A 179 -6.10 -6.47 10.27
CA ASP A 179 -6.95 -5.66 11.14
C ASP A 179 -7.71 -6.52 12.12
N TYR A 180 -8.20 -5.86 13.14
CA TYR A 180 -9.34 -6.36 13.92
C TYR A 180 -10.40 -5.26 13.84
N ASP A 181 -11.59 -5.58 13.26
CA ASP A 181 -12.66 -4.60 12.99
C ASP A 181 -12.10 -3.26 12.46
N GLN A 182 -11.18 -3.37 11.50
CA GLN A 182 -10.65 -2.24 10.69
C GLN A 182 -9.57 -1.46 11.44
N SER A 183 -9.30 -1.76 12.72
CA SER A 183 -8.18 -1.14 13.44
C SER A 183 -6.95 -2.03 13.47
N TYR A 184 -5.82 -1.46 13.88
CA TYR A 184 -4.54 -2.10 14.09
C TYR A 184 -3.80 -2.49 12.79
N ARG A 185 -4.30 -2.12 11.60
CA ARG A 185 -3.51 -2.47 10.39
C ARG A 185 -2.16 -1.79 10.40
N GLU A 186 -2.08 -0.62 11.04
CA GLU A 186 -0.85 0.18 10.99
C GLU A 186 0.21 -0.27 11.99
N VAL A 187 -0.09 -1.24 12.85
CA VAL A 187 0.96 -1.71 13.77
C VAL A 187 2.11 -2.27 12.96
N ARG A 188 3.35 -1.90 13.31
CA ARG A 188 4.43 -2.26 12.35
C ARG A 188 4.74 -3.75 12.35
N ASP A 189 4.40 -4.44 13.43
CA ASP A 189 4.77 -5.83 13.65
C ASP A 189 3.51 -6.67 13.53
N VAL A 190 3.68 -7.98 13.29
CA VAL A 190 2.57 -8.92 13.40
C VAL A 190 2.51 -9.39 14.84
N VAL A 191 1.35 -9.20 15.49
CA VAL A 191 1.21 -9.44 16.92
C VAL A 191 -0.05 -10.24 17.18
N ILE A 192 -0.10 -10.93 18.35
CA ILE A 192 -1.36 -11.53 18.76
C ILE A 192 -2.18 -10.52 19.55
N LEU A 193 -3.42 -10.25 19.11
CA LEU A 193 -4.24 -9.27 19.82
C LEU A 193 -4.73 -9.84 21.15
N LYS A 194 -4.71 -9.02 22.19
CA LYS A 194 -5.13 -9.75 23.36
C LYS A 194 -6.66 -9.92 23.43
N PRO A 195 -7.14 -11.08 23.93
CA PRO A 195 -8.61 -11.31 23.99
C PRO A 195 -9.39 -10.22 24.69
N SER A 196 -8.81 -9.65 25.74
CA SER A 196 -9.40 -8.51 26.44
C SER A 196 -9.86 -7.42 25.47
N VAL A 197 -9.17 -7.26 24.35
CA VAL A 197 -9.51 -6.21 23.40
C VAL A 197 -10.74 -6.60 22.59
N TYR A 198 -10.79 -7.82 22.09
CA TYR A 198 -11.87 -8.10 21.14
C TYR A 198 -13.11 -8.63 21.82
N GLU A 199 -12.96 -9.32 22.94
CA GLU A 199 -14.12 -9.69 23.72
C GLU A 199 -14.86 -8.43 24.18
N THR A 200 -14.11 -7.46 24.71
CA THR A 200 -14.70 -6.18 25.10
C THR A 200 -15.44 -5.53 23.93
N TRP A 201 -14.81 -5.52 22.75
CA TRP A 201 -15.34 -4.79 21.60
C TRP A 201 -16.57 -5.47 21.01
N GLY A 202 -16.56 -6.79 20.91
CA GLY A 202 -17.82 -7.50 20.66
C GLY A 202 -18.94 -7.13 21.63
N LYS A 203 -18.60 -6.98 22.93
CA LYS A 203 -19.64 -6.65 23.92
C LYS A 203 -20.14 -5.22 23.73
N GLU A 204 -19.23 -4.27 23.47
CA GLU A 204 -19.66 -2.88 23.27
C GLU A 204 -20.49 -2.74 22.01
N LEU A 205 -20.09 -3.43 20.94
CA LEU A 205 -20.84 -3.42 19.68
C LEU A 205 -22.33 -3.76 19.89
N ALA B 10 26.28 11.64 -10.26
CA ALA B 10 25.58 10.97 -11.35
C ALA B 10 24.36 10.26 -10.78
N CYS B 11 23.27 10.30 -11.55
CA CYS B 11 22.00 9.80 -11.05
C CYS B 11 22.05 8.27 -10.96
N LYS B 12 21.62 7.72 -9.82
N LYS B 12 21.66 7.78 -9.77
CA LYS B 12 21.80 6.28 -9.64
CA LYS B 12 21.56 6.36 -9.46
C LYS B 12 20.79 5.43 -10.40
C LYS B 12 20.97 5.53 -10.61
N TYR B 13 19.88 6.04 -11.18
CA TYR B 13 18.95 5.32 -12.05
C TYR B 13 19.13 5.71 -13.50
N ASP B 14 19.29 4.70 -14.36
CA ASP B 14 19.51 4.96 -15.79
C ASP B 14 18.27 5.50 -16.49
N PHE B 15 17.09 5.37 -15.87
CA PHE B 15 15.87 5.85 -16.48
C PHE B 15 15.47 7.23 -15.98
N ALA B 16 16.31 7.87 -15.17
CA ALA B 16 15.98 9.14 -14.55
C ALA B 16 17.05 10.16 -14.86
N THR B 17 16.69 11.45 -14.85
CA THR B 17 17.80 12.42 -14.98
C THR B 17 18.17 13.06 -13.65
N SER B 18 17.24 13.12 -12.69
CA SER B 18 17.49 13.64 -11.33
C SER B 18 16.71 12.88 -10.29
N VAL B 19 17.30 12.68 -9.11
CA VAL B 19 16.51 12.23 -7.94
C VAL B 19 16.09 13.50 -7.19
N LEU B 20 14.79 13.71 -7.01
CA LEU B 20 14.31 14.91 -6.34
C LEU B 20 14.18 14.69 -4.83
N PHE B 21 13.61 13.55 -4.42
CA PHE B 21 13.44 13.20 -3.00
C PHE B 21 13.78 11.73 -2.80
N THR B 22 14.74 11.47 -1.92
CA THR B 22 14.99 10.08 -1.57
C THR B 22 13.93 9.57 -0.59
N GLU B 23 13.83 8.24 -0.52
CA GLU B 23 12.98 7.61 0.48
C GLU B 23 13.24 8.20 1.89
N ALA B 24 14.51 8.36 2.27
CA ALA B 24 14.84 8.87 3.60
C ALA B 24 14.36 10.32 3.77
N GLU B 25 14.55 11.14 2.72
CA GLU B 25 14.05 12.51 2.79
C GLU B 25 12.53 12.54 2.95
N LEU B 26 11.79 11.70 2.18
CA LEU B 26 10.34 11.68 2.30
C LEU B 26 9.91 11.25 3.68
N HIS B 27 10.54 10.21 4.24
CA HIS B 27 10.14 9.80 5.58
C HIS B 27 10.45 10.86 6.62
N THR B 28 11.57 11.55 6.48
CA THR B 28 11.86 12.64 7.42
C THR B 28 10.74 13.67 7.35
N ARG B 29 10.38 14.03 6.15
CA ARG B 29 9.33 15.02 6.02
C ARG B 29 8.00 14.49 6.57
N MET B 30 7.74 13.22 6.38
CA MET B 30 6.49 12.63 6.86
C MET B 30 6.42 12.58 8.36
N ARG B 31 7.55 12.32 9.03
CA ARG B 31 7.56 12.45 10.49
C ARG B 31 7.19 13.85 10.95
N GLY B 32 7.74 14.88 10.26
CA GLY B 32 7.39 16.25 10.61
C GLY B 32 5.89 16.49 10.44
N VAL B 33 5.32 15.98 9.36
CA VAL B 33 3.89 16.15 9.14
C VAL B 33 3.08 15.36 10.18
N ALA B 34 3.55 14.16 10.53
CA ALA B 34 2.84 13.33 11.49
C ALA B 34 2.78 14.00 12.84
N GLN B 35 3.86 14.68 13.25
CA GLN B 35 3.79 15.45 14.49
C GLN B 35 2.69 16.53 14.44
N ARG B 36 2.60 17.24 13.31
N ARG B 36 2.57 17.22 13.31
CA ARG B 36 1.58 18.27 13.17
CA ARG B 36 1.57 18.28 13.22
C ARG B 36 0.19 17.67 13.29
C ARG B 36 0.16 17.70 13.25
N ILE B 37 -0.04 16.56 12.59
CA ILE B 37 -1.33 15.86 12.65
C ILE B 37 -1.63 15.42 14.08
N ALA B 38 -0.64 14.80 14.77
CA ALA B 38 -0.84 14.43 16.18
C ALA B 38 -1.29 15.64 17.00
N ASP B 39 -0.60 16.78 16.89
CA ASP B 39 -1.01 17.95 17.62
C ASP B 39 -2.40 18.42 17.21
N ASP B 40 -2.67 18.46 15.90
CA ASP B 40 -3.92 19.04 15.44
C ASP B 40 -5.09 18.19 15.86
N TYR B 41 -4.92 16.87 15.91
CA TYR B 41 -6.04 16.04 16.32
C TYR B 41 -6.01 15.70 17.80
N SER B 42 -5.15 16.35 18.58
CA SER B 42 -5.06 16.02 20.00
CA SER B 42 -5.07 15.97 19.98
C SER B 42 -6.39 16.22 20.70
N ASN B 43 -7.20 17.15 20.23
CA ASN B 43 -8.45 17.39 20.94
C ASN B 43 -9.60 16.58 20.37
N CYS B 44 -9.32 15.57 19.57
CA CYS B 44 -10.31 14.72 18.93
C CYS B 44 -10.49 13.38 19.65
N ASN B 45 -9.60 13.05 20.57
CA ASN B 45 -9.58 11.78 21.30
C ASN B 45 -9.69 10.58 20.34
N LEU B 46 -8.73 10.53 19.43
CA LEU B 46 -8.64 9.36 18.54
C LEU B 46 -8.23 8.13 19.33
N LYS B 47 -8.91 7.02 19.07
CA LYS B 47 -8.54 5.73 19.68
C LYS B 47 -8.84 4.61 18.70
N PRO B 48 -8.10 3.50 18.76
CA PRO B 48 -8.48 2.31 17.97
C PRO B 48 -9.91 1.89 18.29
N LEU B 49 -10.59 1.38 17.28
CA LEU B 49 -11.93 0.81 17.39
C LEU B 49 -12.94 1.90 17.71
N GLU B 50 -12.81 2.57 18.85
CA GLU B 50 -13.85 3.54 19.22
C GLU B 50 -13.84 4.78 18.32
N ASN B 51 -12.64 5.25 17.89
CA ASN B 51 -12.65 6.54 17.16
C ASN B 51 -11.37 6.66 16.35
N PRO B 52 -11.06 5.77 15.41
CA PRO B 52 -9.85 5.98 14.60
C PRO B 52 -10.01 7.15 13.61
N LEU B 53 -8.88 7.74 13.24
CA LEU B 53 -8.85 8.64 12.10
C LEU B 53 -9.10 7.80 10.84
N VAL B 54 -10.06 8.20 10.01
CA VAL B 54 -10.36 7.44 8.80
C VAL B 54 -9.49 7.96 7.66
N ILE B 55 -8.61 7.11 7.14
CA ILE B 55 -7.72 7.45 6.04
C ILE B 55 -8.39 7.04 4.75
N VAL B 56 -8.58 7.96 3.84
CA VAL B 56 -9.23 7.61 2.56
C VAL B 56 -8.13 7.76 1.53
N SER B 57 -7.71 6.65 0.97
CA SER B 57 -6.54 6.60 0.10
C SER B 57 -7.00 6.54 -1.35
N VAL B 58 -6.51 7.48 -2.17
CA VAL B 58 -6.91 7.50 -3.58
C VAL B 58 -5.96 6.58 -4.38
N LEU B 59 -6.45 5.45 -4.88
CA LEU B 59 -5.58 4.54 -5.64
C LEU B 59 -5.40 5.03 -7.09
N LYS B 60 -4.44 4.48 -7.80
CA LYS B 60 -3.54 3.46 -7.38
C LYS B 60 -2.35 4.02 -6.72
N GLY B 61 -1.95 5.21 -7.16
CA GLY B 61 -0.65 5.75 -6.81
C GLY B 61 -0.41 5.91 -5.32
N SER B 62 -1.46 6.06 -4.51
CA SER B 62 -1.21 6.40 -3.13
C SER B 62 -0.85 5.20 -2.25
N PHE B 63 -0.83 3.97 -2.77
CA PHE B 63 -0.74 2.82 -1.86
C PHE B 63 0.61 2.83 -1.11
N VAL B 64 1.70 3.25 -1.74
CA VAL B 64 2.99 3.26 -1.04
C VAL B 64 3.00 4.33 0.04
N PHE B 65 2.66 5.58 -0.35
CA PHE B 65 2.55 6.65 0.65
C PHE B 65 1.63 6.27 1.79
N THR B 66 0.49 5.64 1.46
CA THR B 66 -0.47 5.29 2.50
C THR B 66 0.10 4.26 3.46
N ALA B 67 0.73 3.22 2.91
CA ALA B 67 1.35 2.21 3.80
C ALA B 67 2.37 2.85 4.72
N ASP B 68 3.22 3.73 4.21
CA ASP B 68 4.27 4.33 5.05
C ASP B 68 3.70 5.34 6.04
N MET B 69 2.74 6.13 5.60
CA MET B 69 2.22 7.18 6.45
C MET B 69 1.35 6.63 7.58
N VAL B 70 0.54 5.60 7.36
CA VAL B 70 -0.24 5.10 8.52
C VAL B 70 0.69 4.52 9.56
N ARG B 71 1.81 3.91 9.17
CA ARG B 71 2.71 3.40 10.16
C ARG B 71 3.39 4.55 10.92
N ILE B 72 3.76 5.61 10.20
CA ILE B 72 4.37 6.73 10.91
C ILE B 72 3.34 7.40 11.81
N LEU B 73 2.13 7.56 11.34
CA LEU B 73 1.10 8.14 12.23
C LEU B 73 0.92 7.29 13.47
N GLY B 74 0.90 5.97 13.32
CA GLY B 74 0.79 5.11 14.48
C GLY B 74 1.92 5.33 15.47
N ASP B 75 3.11 5.58 14.96
CA ASP B 75 4.23 5.88 15.86
C ASP B 75 3.98 7.16 16.67
N PHE B 76 3.30 8.13 16.08
CA PHE B 76 2.99 9.41 16.75
C PHE B 76 1.66 9.37 17.48
N GLY B 77 1.09 8.19 17.66
CA GLY B 77 -0.09 8.11 18.54
C GLY B 77 -1.39 8.40 17.84
N VAL B 78 -1.41 8.35 16.52
CA VAL B 78 -2.63 8.63 15.72
C VAL B 78 -3.14 7.32 15.11
N PRO B 79 -4.11 6.65 15.75
CA PRO B 79 -4.63 5.36 15.21
C PRO B 79 -5.58 5.63 14.05
N THR B 80 -5.53 4.74 13.05
CA THR B 80 -6.25 4.94 11.80
C THR B 80 -7.04 3.69 11.42
N ARG B 81 -7.97 3.89 10.49
CA ARG B 81 -8.52 2.78 9.70
C ARG B 81 -8.44 3.27 8.27
N VAL B 82 -8.41 2.37 7.31
CA VAL B 82 -8.14 2.78 5.94
CA VAL B 82 -8.14 2.78 5.93
C VAL B 82 -9.32 2.39 5.04
N GLU B 83 -9.57 3.24 4.04
CA GLU B 83 -10.51 2.97 2.96
C GLU B 83 -9.80 3.35 1.67
N PHE B 84 -10.10 2.66 0.58
CA PHE B 84 -9.49 2.92 -0.71
C PHE B 84 -10.54 3.31 -1.71
N LEU B 85 -10.25 4.38 -2.47
CA LEU B 85 -11.09 4.87 -3.56
C LEU B 85 -10.33 4.70 -4.86
N ARG B 86 -11.02 4.36 -5.91
CA ARG B 86 -10.42 4.33 -7.24
C ARG B 86 -10.32 5.76 -7.83
N ASP B 109 -19.09 3.69 6.70
CA ASP B 109 -19.76 4.98 6.84
C ASP B 109 -18.99 5.94 7.74
N ILE B 110 -18.92 7.19 7.30
CA ILE B 110 -18.01 8.15 7.87
C ILE B 110 -18.72 9.24 8.67
N ARG B 111 -20.05 9.18 8.82
CA ARG B 111 -20.74 10.26 9.49
C ARG B 111 -20.24 10.38 10.93
N GLY B 112 -19.90 11.61 11.35
CA GLY B 112 -19.33 11.80 12.66
C GLY B 112 -17.91 11.32 12.86
N LYS B 113 -17.18 10.90 11.80
CA LYS B 113 -15.79 10.52 11.97
C LYS B 113 -14.88 11.55 11.31
N HIS B 114 -13.65 11.65 11.81
CA HIS B 114 -12.66 12.52 11.19
C HIS B 114 -12.02 11.78 10.03
N VAL B 115 -11.95 12.44 8.89
CA VAL B 115 -11.48 11.84 7.64
C VAL B 115 -10.24 12.60 7.20
N LEU B 116 -9.18 11.87 6.82
CA LEU B 116 -8.00 12.46 6.20
C LEU B 116 -7.82 11.78 4.85
N VAL B 117 -7.94 12.57 3.75
CA VAL B 117 -7.78 12.02 2.40
C VAL B 117 -6.30 12.06 2.06
N LEU B 118 -5.73 10.94 1.56
CA LEU B 118 -4.32 10.84 1.18
C LEU B 118 -4.25 10.70 -0.34
N GLU B 119 -3.45 11.53 -0.98
CA GLU B 119 -3.19 11.34 -2.41
C GLU B 119 -1.67 11.47 -2.64
N ASP B 120 -1.15 10.70 -3.59
CA ASP B 120 0.27 10.74 -3.82
C ASP B 120 0.68 12.07 -4.43
N ILE B 121 -0.11 12.59 -5.39
CA ILE B 121 0.26 13.82 -6.07
C ILE B 121 -0.97 14.69 -6.27
N LEU B 122 -0.82 15.99 -6.00
CA LEU B 122 -1.88 16.96 -6.18
C LEU B 122 -1.38 17.90 -7.28
N ASP B 123 -2.11 17.98 -8.39
CA ASP B 123 -1.59 18.76 -9.53
C ASP B 123 -2.68 19.75 -9.97
N THR B 124 -3.62 19.31 -10.80
CA THR B 124 -4.71 20.19 -11.22
C THR B 124 -5.69 20.43 -10.06
N ALA B 125 -5.74 19.52 -9.13
CA ALA B 125 -6.66 19.44 -7.99
C ALA B 125 -8.06 18.95 -8.38
N LEU B 126 -8.30 18.56 -9.64
CA LEU B 126 -9.64 18.18 -10.04
C LEU B 126 -10.09 16.89 -9.32
N THR B 127 -9.18 15.95 -9.15
CA THR B 127 -9.52 14.69 -8.43
C THR B 127 -9.90 14.98 -6.99
N LEU B 128 -9.01 15.62 -6.26
CA LEU B 128 -9.22 15.83 -4.83
CA LEU B 128 -9.23 15.82 -4.83
C LEU B 128 -10.41 16.72 -4.58
N ARG B 129 -10.62 17.71 -5.44
CA ARG B 129 -11.83 18.51 -5.26
C ARG B 129 -13.10 17.64 -5.30
N GLU B 130 -13.15 16.73 -6.26
CA GLU B 130 -14.32 15.88 -6.42
C GLU B 130 -14.42 14.89 -5.26
N VAL B 131 -13.28 14.33 -4.82
CA VAL B 131 -13.30 13.38 -3.69
C VAL B 131 -13.78 14.07 -2.43
N VAL B 132 -13.20 15.25 -2.15
CA VAL B 132 -13.59 15.94 -0.92
C VAL B 132 -15.08 16.29 -0.97
N ASP B 133 -15.53 16.79 -2.09
CA ASP B 133 -16.93 17.18 -2.12
C ASP B 133 -17.86 15.98 -2.03
N SER B 134 -17.45 14.83 -2.54
CA SER B 134 -18.30 13.64 -2.39
CA SER B 134 -18.28 13.63 -2.39
C SER B 134 -18.38 13.17 -0.94
N LEU B 135 -17.28 13.22 -0.21
CA LEU B 135 -17.27 12.73 1.16
C LEU B 135 -18.01 13.67 2.10
N LYS B 136 -17.96 14.98 1.83
CA LYS B 136 -18.69 15.91 2.68
C LYS B 136 -20.17 15.59 2.71
N LYS B 137 -20.68 14.96 1.66
CA LYS B 137 -22.09 14.61 1.64
C LYS B 137 -22.47 13.61 2.72
N SER B 138 -21.51 12.91 3.31
CA SER B 138 -21.76 11.93 4.36
C SER B 138 -21.56 12.50 5.75
N GLU B 139 -21.45 13.82 5.91
CA GLU B 139 -21.34 14.47 7.20
C GLU B 139 -20.26 13.89 8.13
N PRO B 140 -19.01 13.79 7.65
CA PRO B 140 -17.93 13.45 8.57
C PRO B 140 -17.76 14.55 9.62
N ALA B 141 -17.11 14.22 10.73
CA ALA B 141 -16.89 15.25 11.75
C ALA B 141 -15.98 16.33 11.20
N SER B 142 -15.00 15.94 10.37
CA SER B 142 -14.14 16.92 9.70
C SER B 142 -13.50 16.21 8.52
N ILE B 143 -12.96 17.01 7.59
N ILE B 143 -13.03 17.01 7.56
CA ILE B 143 -12.24 16.35 6.51
CA ILE B 143 -12.30 16.51 6.40
C ILE B 143 -11.07 17.22 6.08
C ILE B 143 -11.02 17.31 6.26
N LYS B 144 -9.90 16.63 6.03
CA LYS B 144 -8.69 17.34 5.62
C LYS B 144 -7.99 16.51 4.59
N THR B 145 -6.96 17.08 3.97
CA THR B 145 -6.20 16.33 2.96
C THR B 145 -4.72 16.36 3.27
N LEU B 146 -4.02 15.26 2.90
CA LEU B 146 -2.58 15.12 3.06
C LEU B 146 -2.07 14.57 1.74
N VAL B 147 -1.15 15.30 1.11
CA VAL B 147 -0.56 14.84 -0.15
C VAL B 147 0.94 14.64 0.02
N ALA B 148 1.47 13.61 -0.68
CA ALA B 148 2.91 13.37 -0.66
C ALA B 148 3.61 14.45 -1.48
N ILE B 149 3.14 14.69 -2.70
CA ILE B 149 3.81 15.60 -3.64
C ILE B 149 2.75 16.63 -4.04
N ASP B 150 3.01 17.89 -3.75
CA ASP B 150 2.15 18.95 -4.30
C ASP B 150 2.88 19.60 -5.48
N LYS B 151 2.17 19.83 -6.60
CA LYS B 151 2.70 20.57 -7.73
C LYS B 151 1.91 21.86 -7.72
N PRO B 152 2.33 22.86 -6.94
CA PRO B 152 1.51 24.07 -6.80
C PRO B 152 1.27 24.78 -8.14
N GLY B 153 2.21 24.69 -9.05
CA GLY B 153 2.00 25.38 -10.30
C GLY B 153 1.13 24.66 -11.31
N GLY B 154 0.48 23.54 -10.94
CA GLY B 154 -0.39 22.76 -11.81
C GLY B 154 -1.89 23.05 -11.77
N ARG B 155 -2.34 23.94 -10.88
CA ARG B 155 -3.77 24.03 -10.55
C ARG B 155 -4.61 24.38 -11.75
N LYS B 156 -5.79 23.74 -11.86
CA LYS B 156 -6.83 24.21 -12.74
C LYS B 156 -7.99 24.81 -12.00
N ILE B 157 -8.06 24.60 -10.69
CA ILE B 157 -8.98 25.28 -9.79
C ILE B 157 -8.20 25.55 -8.53
N PRO B 158 -8.64 26.50 -7.70
CA PRO B 158 -7.94 26.75 -6.43
C PRO B 158 -8.11 25.58 -5.47
N PHE B 159 -7.02 25.20 -4.83
CA PHE B 159 -7.10 24.13 -3.86
C PHE B 159 -5.84 24.14 -3.04
N THR B 160 -6.00 24.09 -1.73
CA THR B 160 -4.87 23.98 -0.79
C THR B 160 -5.05 22.74 0.05
N ALA B 161 -4.07 21.84 0.03
CA ALA B 161 -4.05 20.70 0.96
C ALA B 161 -3.67 21.18 2.35
N GLU B 162 -4.27 20.59 3.39
CA GLU B 162 -3.89 20.98 4.74
C GLU B 162 -2.47 20.56 5.05
N TYR B 163 -2.04 19.37 4.60
CA TYR B 163 -0.72 18.85 4.88
C TYR B 163 -0.03 18.45 3.58
N VAL B 164 1.23 18.88 3.39
CA VAL B 164 2.00 18.59 2.15
C VAL B 164 3.36 18.06 2.59
N VAL B 165 3.76 16.89 2.11
CA VAL B 165 5.04 16.35 2.48
C VAL B 165 6.16 17.07 1.73
N ALA B 166 5.98 17.23 0.42
CA ALA B 166 7.02 17.85 -0.42
C ALA B 166 6.36 18.55 -1.60
N ASP B 167 6.97 19.65 -2.08
CA ASP B 167 6.52 20.37 -3.29
C ASP B 167 7.46 20.05 -4.45
N VAL B 168 6.90 19.87 -5.66
CA VAL B 168 7.72 19.63 -6.86
CA VAL B 168 7.81 19.74 -6.80
C VAL B 168 7.45 20.75 -7.87
N PRO B 169 8.44 21.20 -8.66
CA PRO B 169 8.11 22.10 -9.80
C PRO B 169 7.29 21.37 -10.86
N ASN B 170 7.06 22.01 -12.02
CA ASN B 170 6.22 21.44 -13.06
C ASN B 170 7.09 20.55 -13.94
N VAL B 171 7.33 19.33 -13.43
CA VAL B 171 8.15 18.36 -14.15
C VAL B 171 7.44 17.03 -13.88
N PHE B 172 7.64 16.09 -14.77
CA PHE B 172 6.98 14.79 -14.63
C PHE B 172 7.84 13.82 -13.85
N VAL B 173 7.33 13.31 -12.73
CA VAL B 173 8.09 12.48 -11.79
C VAL B 173 7.46 11.09 -11.73
N VAL B 174 8.27 10.10 -11.33
CA VAL B 174 7.80 8.75 -11.04
C VAL B 174 8.46 8.32 -9.75
N GLY B 175 8.01 7.18 -9.22
CA GLY B 175 8.59 6.66 -8.00
C GLY B 175 7.67 6.94 -6.82
N TYR B 176 7.90 6.19 -5.74
CA TYR B 176 7.11 6.31 -4.52
C TYR B 176 5.59 6.23 -4.77
N GLY B 177 5.20 5.25 -5.60
CA GLY B 177 3.81 5.02 -6.03
C GLY B 177 3.47 5.61 -7.38
N LEU B 178 4.19 6.64 -7.80
CA LEU B 178 3.84 7.34 -9.04
C LEU B 178 4.38 6.61 -10.28
N ASP B 179 3.54 6.46 -11.29
CA ASP B 179 3.91 5.59 -12.43
C ASP B 179 4.17 6.40 -13.69
N TYR B 180 4.84 5.75 -14.63
CA TYR B 180 4.69 6.08 -16.04
C TYR B 180 4.07 4.86 -16.72
N ASP B 181 2.86 5.00 -17.28
CA ASP B 181 2.12 3.88 -17.92
C ASP B 181 2.22 2.58 -17.08
N GLN B 182 2.02 2.74 -15.78
CA GLN B 182 1.84 1.66 -14.78
C GLN B 182 3.19 1.07 -14.30
N SER B 183 4.32 1.48 -14.87
CA SER B 183 5.62 1.06 -14.37
C SER B 183 6.22 2.12 -13.48
N TYR B 184 7.34 1.75 -12.84
CA TYR B 184 8.17 2.61 -12.02
C TYR B 184 7.53 3.01 -10.68
N ARG B 185 6.33 2.52 -10.33
CA ARG B 185 5.81 2.90 -9.01
C ARG B 185 6.70 2.43 -7.88
N GLU B 186 7.41 1.29 -8.08
CA GLU B 186 8.17 0.69 -7.02
C GLU B 186 9.54 1.35 -6.80
N VAL B 187 9.92 2.33 -7.62
CA VAL B 187 11.15 3.04 -7.36
C VAL B 187 11.06 3.72 -5.97
N ARG B 188 12.09 3.57 -5.16
CA ARG B 188 11.95 4.03 -3.75
C ARG B 188 11.98 5.54 -3.61
N ASP B 189 12.57 6.23 -4.59
CA ASP B 189 12.70 7.69 -4.58
C ASP B 189 11.75 8.34 -5.60
N VAL B 190 11.56 9.67 -5.48
CA VAL B 190 10.82 10.43 -6.49
C VAL B 190 11.84 11.00 -7.45
N VAL B 191 11.70 10.69 -8.75
CA VAL B 191 12.74 11.00 -9.72
C VAL B 191 12.10 11.60 -10.94
N ILE B 192 12.89 12.39 -11.65
CA ILE B 192 12.45 12.95 -12.93
C ILE B 192 12.73 11.92 -13.98
N LEU B 193 11.69 11.53 -14.68
CA LEU B 193 11.80 10.54 -15.73
C LEU B 193 12.59 11.04 -16.92
N LYS B 194 13.49 10.22 -17.42
CA LYS B 194 14.32 10.65 -18.54
C LYS B 194 13.49 10.68 -19.83
N PRO B 195 13.52 11.76 -20.62
CA PRO B 195 12.67 11.77 -21.82
C PRO B 195 12.83 10.56 -22.76
N SER B 196 14.04 10.04 -22.91
CA SER B 196 14.32 8.79 -23.62
C SER B 196 13.31 7.68 -23.31
N VAL B 197 12.86 7.62 -22.06
CA VAL B 197 12.00 6.51 -21.67
C VAL B 197 10.64 6.63 -22.35
N TYR B 198 10.05 7.83 -22.30
CA TYR B 198 8.73 7.90 -22.85
C TYR B 198 8.72 8.15 -24.36
N GLU B 199 9.78 8.73 -24.91
CA GLU B 199 9.91 8.75 -26.36
C GLU B 199 10.02 7.34 -26.94
N THR B 200 10.96 6.55 -26.42
CA THR B 200 11.07 5.14 -26.78
C THR B 200 9.76 4.38 -26.61
N TRP B 201 9.15 4.41 -25.42
CA TRP B 201 7.89 3.68 -25.24
C TRP B 201 6.78 4.25 -26.12
N GLY B 202 6.75 5.58 -26.30
CA GLY B 202 5.72 6.14 -27.14
C GLY B 202 5.78 5.57 -28.53
N LYS B 203 7.00 5.40 -29.07
CA LYS B 203 7.19 4.84 -30.40
C LYS B 203 6.78 3.38 -30.47
N GLU B 204 7.12 2.61 -29.43
CA GLU B 204 6.74 1.20 -29.40
C GLU B 204 5.23 1.02 -29.33
N LEU B 205 4.53 1.88 -28.58
CA LEU B 205 3.07 1.86 -28.62
C LEU B 205 2.55 2.14 -30.02
N GLU B 206 2.95 3.26 -30.63
CA GLU B 206 2.48 3.62 -31.97
C GLU B 206 2.70 2.50 -32.97
N ARG B 207 3.76 1.71 -32.79
CA ARG B 207 3.95 0.49 -33.58
C ARG B 207 2.80 -0.46 -33.35
N ARG B 208 2.67 -0.94 -32.11
CA ARG B 208 1.70 -1.96 -31.69
C ARG B 208 0.28 -1.70 -32.21
S SO4 C . -9.67 -7.35 4.63
O1 SO4 C . -10.23 -8.69 4.41
O2 SO4 C . -10.50 -6.36 3.93
O3 SO4 C . -9.61 -7.05 6.08
O4 SO4 C . -8.30 -7.39 4.11
MG MG D . -7.24 -11.17 2.38
MG MG E . -10.39 -8.40 7.79
MG MG E . -10.87 -10.02 6.14
MG MG F . 11.42 -18.72 0.52
MG MG G . 17.71 -8.64 5.70
C1 PEG H . 8.75 4.61 8.58
O1 PEG H . 9.95 5.22 8.13
C2 PEG H . 7.70 4.29 7.51
O2 PEG H . 8.24 3.29 6.67
C3 PEG H . 7.77 1.98 6.92
C4 PEG H . 8.89 1.11 7.41
O4 PEG H . 9.03 0.06 6.48
CAI 3L6 I . -11.44 -12.72 6.17
CAI 3L6 I . -7.28 -12.98 4.01
CAJ 3L6 I . -10.08 -12.31 5.63
CAJ 3L6 I . -8.63 -12.76 4.67
NAV 3L6 I . -9.10 -13.40 5.65
NAV 3L6 I . -9.06 -13.87 5.52
CAL 3L6 I . -9.67 -14.64 5.17
CAL 3L6 I . -9.44 -15.10 4.83
CAN 3L6 I . -8.65 -15.41 4.33
CAN 3L6 I . -8.32 -15.95 4.23
PAX 3L6 I . -9.21 -17.15 4.02
PAX 3L6 I . -8.79 -17.64 3.60
OAD 3L6 I . -10.24 -16.96 2.93
OAD 3L6 I . -9.70 -17.48 2.39
OAF 3L6 I . -9.82 -17.72 5.30
OAF 3L6 I . -7.55 -18.34 3.11
OAE 3L6 I . -8.02 -17.94 3.53
OAE 3L6 I . -9.37 -18.46 4.72
CAK 3L6 I . -8.45 -13.54 6.94
CAK 3L6 I . -8.32 -13.98 6.77
CAM 3L6 I . -9.21 -14.40 7.97
CAM 3L6 I . -9.15 -13.72 8.05
N9 3L6 I . -8.23 -14.72 8.97
N9 3L6 I . -8.30 -14.16 9.14
C4 3L6 I . -7.58 -13.82 9.70
C4 3L6 I . -7.55 -13.35 9.90
N3 3L6 I . -7.68 -12.36 9.76
N3 3L6 I . -7.41 -11.89 9.91
C2 3L6 I . -6.84 -11.66 10.70
C2 3L6 I . -6.51 -11.29 10.90
N2 3L6 I . -6.91 -10.24 10.81
N2 3L6 I . -6.30 -9.88 11.01
N1 3L6 I . -5.95 -12.35 11.57
N1 3L6 I . -5.80 -12.12 11.84
C6 3L6 I . -5.85 -13.76 11.49
C6 3L6 I . -5.94 -13.53 11.82
O6 3L6 I . -5.08 -14.35 12.18
O6 3L6 I . -5.31 -14.17 12.61
C5 3L6 I . -6.72 -14.50 10.52
C5 3L6 I . -6.86 -14.14 10.81
N7 3L6 I . -6.86 -15.79 10.24
N7 3L6 I . -7.21 -15.41 10.55
C8 3L6 I . -7.78 -15.93 9.30
C8 3L6 I . -8.07 -15.41 9.54
S SO4 J . -2.90 6.51 -10.58
O1 SO4 J . -3.74 5.28 -10.76
O2 SO4 J . -3.77 7.56 -11.06
O3 SO4 J . -2.65 6.88 -9.17
O4 SO4 J . -1.69 6.50 -11.38
MG MG K . -3.40 9.13 -6.09
MG MG L . -0.64 7.48 -12.97
C1 PEG M . 10.04 0.98 3.46
C1 PEG M . 10.46 1.61 3.41
O1 PEG M . 10.77 2.15 3.20
O1 PEG M . 9.39 1.60 4.34
C2 PEG M . 10.82 -0.09 2.75
C2 PEG M . 10.33 0.37 2.55
O2 PEG M . 10.10 -1.30 2.70
O2 PEG M . 11.34 -0.52 2.92
C3 PEG M . 10.76 -2.35 1.99
C3 PEG M . 11.09 -1.85 2.49
C4 PEG M . 12.24 -2.32 2.35
C4 PEG M . 12.43 -2.57 2.40
O4 PEG M . 12.64 -3.37 3.19
O4 PEG M . 12.85 -2.94 3.68
NAA 3L6 N . -2.52 8.48 -13.28
CAG 3L6 N . -3.06 9.19 -12.62
CAI 3L6 N . -3.58 10.27 -11.67
CAJ 3L6 N . -3.41 11.64 -12.29
NAV 3L6 N . -3.05 12.45 -11.14
CAL 3L6 N . -3.84 13.69 -11.30
CAN 3L6 N . -3.88 14.41 -9.98
PAX 3L6 N . -4.78 16.00 -10.16
OAD 3L6 N . -6.27 15.69 -10.31
OAF 3L6 N . -4.56 16.93 -8.98
OAE 3L6 N . -4.34 16.69 -11.43
CAK 3L6 N . -1.66 12.70 -11.22
CAM 3L6 N . -1.15 12.84 -12.64
N9 3L6 N . 0.11 13.56 -12.55
C4 3L6 N . 1.26 12.95 -12.47
N3 3L6 N . 1.54 11.53 -12.42
C2 3L6 N . 2.92 11.17 -12.36
N2 3L6 N . 3.30 9.82 -12.37
N1 3L6 N . 3.97 12.15 -12.29
C6 3L6 N . 3.64 13.54 -12.28
O6 3L6 N . 4.55 14.31 -12.21
C5 3L6 N . 2.23 13.91 -12.35
N7 3L6 N . 1.64 15.11 -12.40
C8 3L6 N . 0.35 14.84 -12.49
#